data_1DBO
#
_entry.id   1DBO
#
_cell.length_a   50.600
_cell.length_b   74.400
_cell.length_c   58.700
_cell.angle_alpha   90.00
_cell.angle_beta   92.90
_cell.angle_gamma   90.00
#
_symmetry.space_group_name_H-M   'P 1 21 1'
#
loop_
_entity.id
_entity.type
_entity.pdbx_description
1 polymer 'CHONDROITINASE B'
2 branched '4-deoxy-alpha-D-glucopyranose-(1-3)-[beta-D-glucopyranose-(1-4)]2-O-methyl-beta-L-fucopyranose-(1-4)-beta-D-xylopyranose-(1-4)-alpha-D-glucopyranuronic acid-(1-2)-[alpha-L-rhamnopyranose-(1-4)]alpha-D-mannopyranose'
3 branched '4-deoxy-beta-D-glucopyranuronic acid-(1-3)-2-acetamido-2-deoxy-4-O-sulfo-beta-D-galactopyranose'
4 water water
#
_entity_poly.entity_id   1
_entity_poly.type   'polypeptide(L)'
_entity_poly.pdbx_seq_one_letter_code
;MKMLNKLAGYLLPIMVLLNVAPCLGQVVASNETLYQVVKEVKPGGLVQIADGTYKDVQLIVSNSGKSGLPITIKALNPGK
VFFTGDAKVELRGEHLILEGIWFKDGNRAIQAWKSHGPGLVAIYGSYNRITACVFDCFDEANSAYITTSLTEDGKVPQHC
RIDHCSFTDKITFDQVINLNNTARAIKDGSVGGPGMYHRVDHCFFSNPQKPGNAGGGIRIGYYRNDIGRCLVDSNLFMRQ
DSEAEIITSKSQENVYYGNTYLNCQGTMNFRHGDHQVAINNFYIGNDQRFGYGGMFVWGSRHVIACNYFELSETIKSRGN
AALYLNPGAMASEHALAFDMLIANNAFINVNGYAIHFNPLDERRKEYCAANRLKFETPHQLMLKGNLFFKDKPYVYPFFK
DDYFIAGKNSWTGNVALGVEKGIPVNISANRSAYKPVKIKDIQPIEGIALDLNALISKGITGKPLSWDEVRPYWLKEMPG
TYALTARLSADRAAKFKAVIKRNKEH
;
_entity_poly.pdbx_strand_id   A
#
# COMPACT_ATOMS: atom_id res chain seq x y z
CA GLN A 26 -17.66 -10.55 -29.86
C GLN A 26 -18.44 -9.98 -28.68
N VAL A 27 -19.68 -9.55 -28.95
CA VAL A 27 -20.52 -8.98 -27.91
C VAL A 27 -21.34 -10.10 -27.27
N VAL A 28 -21.25 -10.18 -25.93
CA VAL A 28 -21.97 -11.19 -25.18
C VAL A 28 -22.94 -10.50 -24.22
N ALA A 29 -24.09 -11.12 -23.98
CA ALA A 29 -25.09 -10.53 -23.10
C ALA A 29 -25.60 -11.44 -21.98
N SER A 30 -24.88 -12.51 -21.68
CA SER A 30 -25.29 -13.42 -20.62
C SER A 30 -24.05 -14.13 -20.09
N ASN A 31 -24.13 -14.69 -18.89
CA ASN A 31 -22.96 -15.38 -18.33
C ASN A 31 -22.52 -16.52 -19.23
N GLU A 32 -23.48 -17.34 -19.67
CA GLU A 32 -23.18 -18.48 -20.52
C GLU A 32 -22.46 -18.15 -21.82
N THR A 33 -22.91 -17.12 -22.51
CA THR A 33 -22.25 -16.75 -23.77
C THR A 33 -20.88 -16.14 -23.48
N LEU A 34 -20.73 -15.53 -22.31
CA LEU A 34 -19.46 -14.96 -21.92
C LEU A 34 -18.48 -16.11 -21.75
N TYR A 35 -18.90 -17.13 -21.00
CA TYR A 35 -18.09 -18.33 -20.76
C TYR A 35 -17.64 -18.94 -22.08
N GLN A 36 -18.56 -19.06 -23.03
CA GLN A 36 -18.25 -19.66 -24.31
C GLN A 36 -17.22 -18.90 -25.16
N VAL A 37 -17.44 -17.60 -25.35
CA VAL A 37 -16.54 -16.76 -26.15
C VAL A 37 -15.11 -16.71 -25.60
N VAL A 38 -14.97 -16.64 -24.28
CA VAL A 38 -13.64 -16.56 -23.68
C VAL A 38 -12.86 -17.87 -23.87
N LYS A 39 -13.58 -18.97 -24.05
CA LYS A 39 -12.97 -20.27 -24.26
C LYS A 39 -12.51 -20.37 -25.72
N GLU A 40 -13.07 -19.52 -26.57
CA GLU A 40 -12.75 -19.51 -28.00
C GLU A 40 -11.83 -18.37 -28.43
N VAL A 41 -11.86 -17.25 -27.69
CA VAL A 41 -11.06 -16.09 -28.05
C VAL A 41 -9.58 -16.35 -28.32
N LYS A 42 -9.09 -15.73 -29.40
CA LYS A 42 -7.69 -15.86 -29.82
C LYS A 42 -6.93 -14.60 -29.45
N PRO A 43 -5.59 -14.64 -29.53
CA PRO A 43 -4.79 -13.46 -29.20
C PRO A 43 -5.26 -12.25 -30.03
N GLY A 44 -5.32 -11.09 -29.39
CA GLY A 44 -5.77 -9.88 -30.08
C GLY A 44 -7.29 -9.77 -30.04
N GLY A 45 -7.93 -10.82 -29.54
CA GLY A 45 -9.38 -10.83 -29.45
C GLY A 45 -9.95 -9.75 -28.55
N LEU A 46 -11.21 -9.40 -28.82
CA LEU A 46 -11.91 -8.38 -28.05
C LEU A 46 -13.31 -8.88 -27.69
N VAL A 47 -13.53 -9.09 -26.39
CA VAL A 47 -14.81 -9.57 -25.88
C VAL A 47 -15.48 -8.41 -25.15
N GLN A 48 -16.61 -7.96 -25.69
CA GLN A 48 -17.33 -6.83 -25.11
C GLN A 48 -18.61 -7.30 -24.45
N ILE A 49 -18.80 -6.89 -23.20
CA ILE A 49 -19.96 -7.30 -22.44
C ILE A 49 -21.09 -6.29 -22.57
N ALA A 50 -22.24 -6.75 -23.05
CA ALA A 50 -23.40 -5.88 -23.24
C ALA A 50 -23.90 -5.30 -21.91
N ASP A 51 -24.52 -4.12 -21.97
CA ASP A 51 -25.03 -3.48 -20.76
C ASP A 51 -25.87 -4.49 -19.99
N GLY A 52 -25.71 -4.51 -18.67
CA GLY A 52 -26.50 -5.44 -17.88
C GLY A 52 -25.83 -5.90 -16.60
N THR A 53 -26.55 -6.72 -15.85
CA THR A 53 -26.05 -7.23 -14.59
C THR A 53 -25.72 -8.71 -14.79
N TYR A 54 -24.48 -9.08 -14.47
CA TYR A 54 -24.05 -10.45 -14.60
C TYR A 54 -23.88 -11.04 -13.21
N LYS A 55 -24.97 -11.61 -12.73
CA LYS A 55 -25.09 -12.19 -11.39
C LYS A 55 -24.57 -13.62 -11.23
N ASP A 56 -23.79 -13.81 -10.18
CA ASP A 56 -23.18 -15.11 -9.86
C ASP A 56 -22.21 -15.52 -10.97
N VAL A 57 -21.68 -14.53 -11.68
CA VAL A 57 -20.74 -14.80 -12.77
C VAL A 57 -19.43 -15.42 -12.30
N GLN A 58 -19.03 -16.48 -12.99
CA GLN A 58 -17.80 -17.21 -12.68
C GLN A 58 -16.89 -17.17 -13.90
N LEU A 59 -16.24 -16.02 -14.09
CA LEU A 59 -15.36 -15.80 -15.24
C LEU A 59 -13.96 -16.38 -15.05
N ILE A 60 -13.69 -17.45 -15.79
CA ILE A 60 -12.41 -18.14 -15.73
C ILE A 60 -11.77 -18.02 -17.12
N VAL A 61 -10.72 -17.21 -17.25
CA VAL A 61 -10.05 -17.03 -18.53
C VAL A 61 -8.75 -17.83 -18.54
N SER A 62 -8.74 -18.93 -19.30
CA SER A 62 -7.56 -19.78 -19.36
C SER A 62 -6.73 -19.59 -20.61
N ASN A 63 -7.34 -19.10 -21.69
CA ASN A 63 -6.57 -18.88 -22.91
C ASN A 63 -5.60 -17.73 -22.68
N SER A 64 -4.66 -17.57 -23.59
CA SER A 64 -3.68 -16.50 -23.47
C SER A 64 -3.60 -15.63 -24.72
N GLY A 65 -3.26 -14.37 -24.49
CA GLY A 65 -3.07 -13.46 -25.60
C GLY A 65 -1.58 -13.57 -25.87
N LYS A 66 -1.02 -12.63 -26.62
CA LYS A 66 0.41 -12.65 -26.90
C LYS A 66 0.95 -11.23 -26.77
N SER A 67 2.26 -11.12 -26.59
CA SER A 67 2.89 -9.81 -26.46
C SER A 67 2.45 -8.99 -27.68
N GLY A 68 1.86 -7.81 -27.43
CA GLY A 68 1.40 -6.98 -28.53
C GLY A 68 0.03 -7.39 -29.06
N LEU A 69 -0.48 -8.51 -28.57
CA LEU A 69 -1.77 -9.03 -28.98
C LEU A 69 -2.52 -9.60 -27.78
N PRO A 70 -2.79 -8.74 -26.78
CA PRO A 70 -3.50 -9.19 -25.59
C PRO A 70 -4.95 -9.49 -25.92
N ILE A 71 -5.62 -10.21 -25.02
CA ILE A 71 -7.02 -10.53 -25.17
C ILE A 71 -7.70 -9.56 -24.21
N THR A 72 -8.60 -8.74 -24.73
CA THR A 72 -9.30 -7.75 -23.92
C THR A 72 -10.76 -8.14 -23.65
N ILE A 73 -11.13 -8.14 -22.37
CA ILE A 73 -12.50 -8.44 -21.96
C ILE A 73 -12.93 -7.16 -21.27
N LYS A 74 -13.90 -6.47 -21.85
CA LYS A 74 -14.34 -5.20 -21.26
C LYS A 74 -15.82 -4.96 -21.47
N ALA A 75 -16.36 -4.01 -20.71
CA ALA A 75 -17.76 -3.65 -20.85
C ALA A 75 -17.88 -2.86 -22.16
N LEU A 76 -18.94 -3.08 -22.92
CA LEU A 76 -19.13 -2.33 -24.15
C LEU A 76 -19.22 -0.88 -23.73
N ASN A 77 -19.95 -0.64 -22.65
CA ASN A 77 -20.13 0.68 -22.10
C ASN A 77 -19.78 0.67 -20.61
N PRO A 78 -18.50 0.95 -20.27
CA PRO A 78 -18.09 0.95 -18.87
C PRO A 78 -19.01 1.84 -18.04
N GLY A 79 -19.49 1.29 -16.94
CA GLY A 79 -20.41 2.01 -16.08
C GLY A 79 -21.78 1.36 -16.15
N LYS A 80 -21.97 0.52 -17.16
CA LYS A 80 -23.25 -0.17 -17.35
C LYS A 80 -23.18 -1.69 -17.22
N VAL A 81 -22.02 -2.19 -16.83
CA VAL A 81 -21.86 -3.64 -16.66
C VAL A 81 -21.49 -3.91 -15.21
N PHE A 82 -22.32 -4.72 -14.55
CA PHE A 82 -22.06 -5.05 -13.16
C PHE A 82 -21.90 -6.53 -12.91
N PHE A 83 -20.83 -6.90 -12.20
CA PHE A 83 -20.62 -8.30 -11.85
C PHE A 83 -21.10 -8.38 -10.40
N THR A 84 -22.09 -9.23 -10.15
CA THR A 84 -22.65 -9.32 -8.80
C THR A 84 -22.86 -10.74 -8.30
N GLY A 85 -23.45 -10.84 -7.11
CA GLY A 85 -23.74 -12.12 -6.51
C GLY A 85 -22.56 -12.95 -6.07
N ASP A 86 -22.71 -14.26 -6.15
CA ASP A 86 -21.67 -15.20 -5.76
C ASP A 86 -20.76 -15.28 -6.97
N ALA A 87 -20.02 -14.19 -7.19
CA ALA A 87 -19.13 -14.04 -8.34
C ALA A 87 -17.67 -14.36 -8.07
N LYS A 88 -16.91 -14.42 -9.15
CA LYS A 88 -15.49 -14.75 -9.06
C LYS A 88 -14.84 -14.61 -10.43
N VAL A 89 -13.61 -14.07 -10.44
CA VAL A 89 -12.87 -13.92 -11.68
C VAL A 89 -11.47 -14.48 -11.52
N GLU A 90 -11.08 -15.33 -12.47
CA GLU A 90 -9.75 -15.92 -12.46
C GLU A 90 -9.05 -15.66 -13.79
N LEU A 91 -7.94 -14.95 -13.75
CA LEU A 91 -7.18 -14.68 -14.96
C LEU A 91 -6.01 -15.65 -14.90
N ARG A 92 -6.18 -16.82 -15.50
CA ARG A 92 -5.14 -17.85 -15.50
C ARG A 92 -4.17 -17.84 -16.68
N GLY A 93 -4.60 -17.33 -17.83
CA GLY A 93 -3.72 -17.25 -18.98
C GLY A 93 -2.86 -16.00 -18.88
N GLU A 94 -2.09 -15.69 -19.92
CA GLU A 94 -1.24 -14.50 -19.92
C GLU A 94 -1.72 -13.49 -20.95
N HIS A 95 -1.19 -12.27 -20.87
CA HIS A 95 -1.53 -11.19 -21.79
C HIS A 95 -3.04 -10.97 -21.89
N LEU A 96 -3.68 -10.85 -20.74
CA LEU A 96 -5.13 -10.62 -20.67
C LEU A 96 -5.40 -9.25 -20.08
N ILE A 97 -6.54 -8.67 -20.44
CA ILE A 97 -6.94 -7.38 -19.91
C ILE A 97 -8.41 -7.37 -19.53
N LEU A 98 -8.70 -6.99 -18.27
CA LEU A 98 -10.07 -6.89 -17.78
C LEU A 98 -10.27 -5.40 -17.55
N GLU A 99 -11.26 -4.83 -18.21
CA GLU A 99 -11.50 -3.38 -18.15
C GLU A 99 -12.95 -2.93 -18.03
N GLY A 100 -13.14 -1.83 -17.30
CA GLY A 100 -14.46 -1.23 -17.14
C GLY A 100 -15.57 -2.02 -16.48
N ILE A 101 -15.24 -2.81 -15.47
CA ILE A 101 -16.24 -3.62 -14.77
C ILE A 101 -16.55 -3.02 -13.39
N TRP A 102 -17.81 -3.10 -12.99
CA TRP A 102 -18.23 -2.59 -11.69
C TRP A 102 -18.68 -3.77 -10.83
N PHE A 103 -17.95 -4.04 -9.76
CA PHE A 103 -18.29 -5.13 -8.85
C PHE A 103 -19.07 -4.59 -7.65
N LYS A 104 -20.31 -5.05 -7.49
CA LYS A 104 -21.15 -4.60 -6.38
C LYS A 104 -22.21 -5.67 -6.08
N ASP A 105 -23.00 -5.42 -5.04
CA ASP A 105 -24.07 -6.34 -4.64
C ASP A 105 -23.63 -7.79 -4.67
N GLY A 106 -22.51 -8.06 -4.01
CA GLY A 106 -21.98 -9.41 -3.96
C GLY A 106 -22.66 -10.32 -2.96
N ASN A 107 -22.37 -11.61 -3.04
CA ASN A 107 -22.97 -12.60 -2.16
C ASN A 107 -22.17 -13.91 -2.11
N ARG A 108 -20.85 -13.81 -2.03
CA ARG A 108 -20.02 -15.01 -1.95
C ARG A 108 -20.26 -15.68 -0.60
N ALA A 109 -20.12 -17.00 -0.55
CA ALA A 109 -20.36 -17.72 0.69
C ALA A 109 -19.28 -17.43 1.74
N ILE A 110 -19.72 -16.95 2.90
CA ILE A 110 -18.78 -16.61 3.97
C ILE A 110 -17.98 -17.78 4.51
N GLN A 111 -18.46 -19.01 4.29
CA GLN A 111 -17.73 -20.16 4.77
C GLN A 111 -16.83 -20.74 3.69
N ALA A 112 -16.77 -20.07 2.55
CA ALA A 112 -15.96 -20.55 1.42
C ALA A 112 -14.75 -19.69 1.04
N TRP A 113 -14.64 -18.51 1.65
CA TRP A 113 -13.51 -17.62 1.35
C TRP A 113 -12.73 -17.26 2.60
N LYS A 114 -11.43 -17.04 2.45
CA LYS A 114 -10.58 -16.71 3.59
C LYS A 114 -9.56 -15.62 3.29
N SER A 115 -9.11 -14.95 4.35
CA SER A 115 -8.06 -13.95 4.20
C SER A 115 -6.86 -14.82 3.84
N HIS A 116 -5.97 -14.30 3.00
CA HIS A 116 -4.78 -15.03 2.56
C HIS A 116 -5.10 -16.02 1.44
N GLY A 117 -6.32 -15.96 0.93
CA GLY A 117 -6.72 -16.83 -0.16
C GLY A 117 -6.80 -15.98 -1.42
N PRO A 118 -7.31 -16.53 -2.54
CA PRO A 118 -7.40 -15.74 -3.77
C PRO A 118 -8.39 -14.59 -3.60
N GLY A 119 -8.20 -13.51 -4.35
CA GLY A 119 -9.09 -12.38 -4.25
C GLY A 119 -10.33 -12.57 -5.10
N LEU A 120 -11.27 -11.63 -4.99
CA LEU A 120 -12.51 -11.67 -5.79
C LEU A 120 -12.05 -11.85 -7.22
N VAL A 121 -11.00 -11.12 -7.56
CA VAL A 121 -10.37 -11.23 -8.86
C VAL A 121 -8.99 -11.77 -8.53
N ALA A 122 -8.71 -12.98 -9.00
CA ALA A 122 -7.42 -13.61 -8.73
C ALA A 122 -6.65 -13.73 -10.03
N ILE A 123 -5.45 -13.18 -10.06
CA ILE A 123 -4.61 -13.22 -11.25
C ILE A 123 -3.56 -14.31 -11.07
N TYR A 124 -3.68 -15.41 -11.82
CA TYR A 124 -2.73 -16.51 -11.73
C TYR A 124 -1.70 -16.54 -12.85
N GLY A 125 -1.88 -15.70 -13.86
CA GLY A 125 -0.94 -15.67 -14.96
C GLY A 125 -0.19 -14.36 -15.02
N SER A 126 0.91 -14.34 -15.76
CA SER A 126 1.74 -13.15 -15.90
C SER A 126 1.27 -12.25 -17.04
N TYR A 127 1.80 -11.03 -17.07
CA TYR A 127 1.49 -10.04 -18.09
C TYR A 127 0.01 -9.70 -18.20
N ASN A 128 -0.69 -9.74 -17.08
CA ASN A 128 -2.11 -9.41 -17.10
C ASN A 128 -2.38 -8.03 -16.51
N ARG A 129 -3.48 -7.44 -16.96
CA ARG A 129 -3.85 -6.11 -16.50
C ARG A 129 -5.33 -5.99 -16.16
N ILE A 130 -5.62 -5.32 -15.05
CA ILE A 130 -6.99 -5.06 -14.64
C ILE A 130 -7.03 -3.54 -14.54
N THR A 131 -7.85 -2.90 -15.36
CA THR A 131 -7.89 -1.45 -15.36
C THR A 131 -9.30 -0.88 -15.43
N ALA A 132 -9.44 0.32 -14.87
CA ALA A 132 -10.72 1.03 -14.85
C ALA A 132 -11.89 0.21 -14.32
N CYS A 133 -11.69 -0.47 -13.20
CA CYS A 133 -12.75 -1.27 -12.57
C CYS A 133 -13.10 -0.69 -11.21
N VAL A 134 -14.34 -0.91 -10.81
CA VAL A 134 -14.84 -0.42 -9.53
C VAL A 134 -15.19 -1.57 -8.59
N PHE A 135 -14.69 -1.49 -7.36
CA PHE A 135 -14.97 -2.48 -6.32
C PHE A 135 -15.54 -1.65 -5.17
N ASP A 136 -16.83 -1.80 -4.90
CA ASP A 136 -17.49 -1.02 -3.87
C ASP A 136 -18.29 -1.88 -2.89
N CYS A 137 -17.79 -1.99 -1.67
CA CYS A 137 -18.42 -2.78 -0.60
C CYS A 137 -19.06 -4.03 -1.21
N PHE A 138 -18.26 -4.86 -1.87
CA PHE A 138 -18.78 -6.03 -2.56
C PHE A 138 -19.67 -6.97 -1.76
N ASP A 139 -19.12 -7.61 -0.74
CA ASP A 139 -19.92 -8.52 0.06
C ASP A 139 -19.34 -8.76 1.44
N GLU A 140 -19.74 -9.86 2.06
CA GLU A 140 -19.28 -10.19 3.42
C GLU A 140 -18.27 -11.31 3.50
N ALA A 141 -17.80 -11.81 2.35
CA ALA A 141 -16.82 -12.89 2.35
C ALA A 141 -15.42 -12.30 2.48
N ASN A 142 -14.63 -12.82 3.43
CA ASN A 142 -13.28 -12.34 3.65
C ASN A 142 -12.29 -12.78 2.58
N SER A 143 -11.63 -11.79 1.99
CA SER A 143 -10.64 -12.00 0.95
C SER A 143 -10.24 -10.62 0.45
N ALA A 144 -9.21 -10.57 -0.38
CA ALA A 144 -8.79 -9.31 -0.94
C ALA A 144 -9.72 -9.10 -2.13
N TYR A 145 -9.73 -7.90 -2.70
CA TYR A 145 -10.56 -7.65 -3.86
C TYR A 145 -9.81 -8.10 -5.11
N ILE A 146 -8.48 -7.97 -5.08
CA ILE A 146 -7.62 -8.40 -6.18
C ILE A 146 -6.35 -9.00 -5.61
N THR A 147 -5.90 -10.10 -6.21
CA THR A 147 -4.65 -10.73 -5.79
C THR A 147 -3.94 -11.30 -7.00
N THR A 148 -2.63 -11.48 -6.85
CA THR A 148 -1.86 -12.16 -7.88
C THR A 148 -1.63 -13.42 -7.05
N SER A 149 -2.00 -14.57 -7.59
CA SER A 149 -1.89 -15.79 -6.82
C SER A 149 -1.07 -16.88 -7.48
N LEU A 150 -0.46 -17.72 -6.66
CA LEU A 150 0.34 -18.83 -7.18
C LEU A 150 -0.58 -19.97 -7.59
N THR A 151 -0.23 -20.63 -8.68
CA THR A 151 -0.99 -21.77 -9.15
C THR A 151 -0.64 -22.92 -8.19
N GLU A 152 -1.36 -24.03 -8.28
CA GLU A 152 -1.08 -25.13 -7.38
C GLU A 152 0.32 -25.72 -7.51
N ASP A 153 0.92 -25.58 -8.69
CA ASP A 153 2.26 -26.13 -8.89
C ASP A 153 3.36 -25.15 -8.52
N GLY A 154 2.98 -24.03 -7.91
CA GLY A 154 3.97 -23.06 -7.47
C GLY A 154 4.39 -21.90 -8.35
N LYS A 155 3.96 -21.87 -9.61
CA LYS A 155 4.37 -20.78 -10.49
C LYS A 155 3.87 -19.42 -10.00
N VAL A 156 4.75 -18.43 -10.03
CA VAL A 156 4.45 -17.07 -9.56
C VAL A 156 4.17 -16.06 -10.68
N PRO A 157 3.00 -15.39 -10.62
CA PRO A 157 2.65 -14.40 -11.65
C PRO A 157 3.61 -13.22 -11.60
N GLN A 158 3.97 -12.70 -12.77
CA GLN A 158 4.87 -11.55 -12.85
C GLN A 158 4.39 -10.53 -13.88
N HIS A 159 4.95 -9.34 -13.81
CA HIS A 159 4.65 -8.27 -14.76
C HIS A 159 3.18 -7.95 -14.99
N CYS A 160 2.41 -7.89 -13.91
CA CYS A 160 0.98 -7.56 -14.02
C CYS A 160 0.80 -6.11 -13.60
N ARG A 161 -0.34 -5.54 -13.95
CA ARG A 161 -0.63 -4.16 -13.62
C ARG A 161 -2.08 -4.00 -13.16
N ILE A 162 -2.26 -3.25 -12.08
CA ILE A 162 -3.59 -2.96 -11.56
C ILE A 162 -3.61 -1.44 -11.57
N ASP A 163 -4.46 -0.84 -12.40
CA ASP A 163 -4.48 0.61 -12.49
C ASP A 163 -5.84 1.25 -12.71
N HIS A 164 -5.96 2.50 -12.28
CA HIS A 164 -7.18 3.26 -12.42
C HIS A 164 -8.42 2.53 -11.90
N CYS A 165 -8.25 1.80 -10.80
CA CYS A 165 -9.35 1.07 -10.17
C CYS A 165 -9.72 1.78 -8.88
N SER A 166 -10.99 1.69 -8.51
CA SER A 166 -11.46 2.30 -7.27
C SER A 166 -11.85 1.22 -6.28
N PHE A 167 -11.36 1.33 -5.05
CA PHE A 167 -11.63 0.36 -3.99
C PHE A 167 -12.25 1.09 -2.80
N THR A 168 -13.56 1.00 -2.63
CA THR A 168 -14.23 1.71 -1.54
C THR A 168 -15.13 0.90 -0.63
N ASP A 169 -15.25 1.38 0.61
CA ASP A 169 -16.10 0.78 1.63
C ASP A 169 -15.95 -0.74 1.81
N LYS A 170 -14.71 -1.21 1.82
CA LYS A 170 -14.48 -2.64 2.02
C LYS A 170 -14.78 -2.96 3.48
N ILE A 171 -15.69 -3.91 3.71
CA ILE A 171 -16.09 -4.26 5.05
C ILE A 171 -15.64 -5.65 5.46
N THR A 172 -14.74 -6.24 4.69
CA THR A 172 -14.24 -7.57 4.95
C THR A 172 -12.76 -7.58 5.36
N PHE A 173 -12.31 -8.68 5.96
CA PHE A 173 -10.92 -8.77 6.37
C PHE A 173 -9.97 -9.04 5.21
N ASP A 174 -8.67 -8.88 5.49
CA ASP A 174 -7.60 -9.05 4.52
C ASP A 174 -7.44 -7.74 3.76
N GLN A 175 -6.31 -7.57 3.09
CA GLN A 175 -6.01 -6.36 2.34
C GLN A 175 -6.95 -6.17 1.15
N VAL A 176 -6.87 -4.99 0.54
CA VAL A 176 -7.67 -4.70 -0.65
C VAL A 176 -6.97 -5.44 -1.78
N ILE A 177 -5.64 -5.41 -1.75
CA ILE A 177 -4.80 -6.05 -2.76
C ILE A 177 -3.64 -6.81 -2.13
N ASN A 178 -3.45 -8.07 -2.53
CA ASN A 178 -2.31 -8.88 -2.08
C ASN A 178 -1.52 -9.28 -3.32
N LEU A 179 -0.22 -9.00 -3.32
CA LEU A 179 0.65 -9.38 -4.44
C LEU A 179 1.52 -10.49 -3.85
N ASN A 180 1.21 -11.73 -4.20
CA ASN A 180 1.92 -12.90 -3.67
C ASN A 180 3.01 -13.52 -4.52
N ASN A 181 4.10 -13.91 -3.88
CA ASN A 181 5.18 -14.59 -4.57
C ASN A 181 5.62 -15.83 -3.76
N THR A 182 4.82 -16.13 -2.73
CA THR A 182 5.06 -17.29 -1.88
C THR A 182 3.73 -17.67 -1.24
N ALA A 183 3.66 -18.91 -0.75
CA ALA A 183 2.47 -19.38 -0.05
C ALA A 183 2.73 -19.11 1.43
N ARG A 184 1.66 -18.96 2.18
CA ARG A 184 1.75 -18.69 3.62
C ARG A 184 2.24 -19.93 4.36
N ALA A 185 3.27 -19.76 5.18
CA ALA A 185 3.86 -20.85 5.97
C ALA A 185 4.56 -20.25 7.18
N ILE A 186 4.64 -21.00 8.30
CA ILE A 186 5.31 -20.51 9.51
C ILE A 186 6.56 -19.76 9.05
N LYS A 187 7.30 -20.40 8.16
CA LYS A 187 8.47 -19.78 7.53
C LYS A 187 9.85 -19.74 8.18
N ASP A 188 10.65 -18.81 7.66
CA ASP A 188 12.04 -18.46 7.97
C ASP A 188 13.12 -19.47 7.52
N GLY A 189 12.94 -19.99 6.31
CA GLY A 189 13.94 -20.88 5.73
C GLY A 189 14.59 -19.89 4.77
N SER A 190 15.87 -19.58 4.96
CA SER A 190 16.57 -18.61 4.10
C SER A 190 15.97 -18.34 2.70
N VAL A 191 15.22 -19.32 2.19
CA VAL A 191 14.57 -19.20 0.89
C VAL A 191 13.60 -18.02 0.86
N GLY A 192 13.38 -17.47 -0.33
CA GLY A 192 12.47 -16.34 -0.47
C GLY A 192 11.76 -16.39 -1.82
N GLY A 193 10.63 -15.70 -1.94
CA GLY A 193 9.90 -15.69 -3.19
C GLY A 193 10.60 -14.86 -4.25
N PRO A 194 10.38 -15.17 -5.55
CA PRO A 194 10.99 -14.46 -6.68
C PRO A 194 10.42 -13.06 -6.91
N GLY A 195 11.21 -12.20 -7.56
CA GLY A 195 10.78 -10.84 -7.88
C GLY A 195 9.52 -10.91 -8.75
N MET A 196 8.59 -9.99 -8.53
CA MET A 196 7.32 -9.96 -9.26
C MET A 196 7.18 -8.94 -10.39
N TYR A 197 7.75 -7.77 -10.20
CA TYR A 197 7.70 -6.70 -11.21
C TYR A 197 6.30 -6.22 -11.57
N HIS A 198 5.38 -6.20 -10.60
CA HIS A 198 4.03 -5.71 -10.88
C HIS A 198 4.03 -4.21 -10.68
N ARG A 199 2.93 -3.58 -11.09
CA ARG A 199 2.79 -2.14 -10.91
C ARG A 199 1.35 -1.87 -10.47
N VAL A 200 1.20 -1.03 -9.45
CA VAL A 200 -0.12 -0.65 -8.97
C VAL A 200 -0.09 0.87 -9.04
N ASP A 201 -0.88 1.45 -9.94
CA ASP A 201 -0.89 2.90 -10.09
C ASP A 201 -2.27 3.47 -10.33
N HIS A 202 -2.40 4.77 -10.04
CA HIS A 202 -3.63 5.50 -10.25
C HIS A 202 -4.87 4.83 -9.69
N CYS A 203 -4.76 4.24 -8.50
CA CYS A 203 -5.91 3.61 -7.86
C CYS A 203 -6.35 4.47 -6.69
N PHE A 204 -7.61 4.29 -6.30
CA PHE A 204 -8.19 5.04 -5.19
C PHE A 204 -8.56 4.06 -4.09
N PHE A 205 -8.08 4.33 -2.87
CA PHE A 205 -8.37 3.46 -1.72
C PHE A 205 -8.98 4.26 -0.57
N SER A 206 -10.16 3.85 -0.10
CA SER A 206 -10.81 4.51 1.02
C SER A 206 -11.72 3.48 1.68
N ASN A 207 -11.30 2.97 2.83
CA ASN A 207 -12.06 1.93 3.51
C ASN A 207 -12.10 2.11 5.03
N PRO A 208 -13.23 1.74 5.66
CA PRO A 208 -13.45 1.84 7.10
C PRO A 208 -12.52 1.01 7.97
N GLN A 209 -12.29 1.50 9.19
CA GLN A 209 -11.42 0.85 10.15
C GLN A 209 -11.96 -0.45 10.77
N LYS A 210 -11.16 -1.51 10.65
CA LYS A 210 -11.50 -2.83 11.20
C LYS A 210 -10.70 -3.05 12.48
N PRO A 211 -11.14 -3.96 13.35
CA PRO A 211 -10.42 -4.23 14.60
C PRO A 211 -9.14 -5.04 14.40
N GLY A 212 -8.09 -4.70 15.14
CA GLY A 212 -6.83 -5.42 15.08
C GLY A 212 -6.06 -5.43 13.76
N ASN A 213 -5.30 -6.50 13.55
CA ASN A 213 -4.50 -6.65 12.34
C ASN A 213 -5.42 -7.30 11.29
N ALA A 214 -6.43 -6.54 10.90
CA ALA A 214 -7.46 -7.00 9.96
C ALA A 214 -7.19 -6.91 8.47
N GLY A 215 -5.99 -6.54 8.07
CA GLY A 215 -5.71 -6.43 6.65
C GLY A 215 -5.92 -5.00 6.19
N GLY A 216 -4.89 -4.39 5.61
CA GLY A 216 -4.98 -3.01 5.19
C GLY A 216 -5.27 -2.76 3.72
N GLY A 217 -4.48 -1.85 3.13
CA GLY A 217 -4.67 -1.53 1.72
C GLY A 217 -3.99 -2.50 0.77
N ILE A 218 -2.66 -2.54 0.84
CA ILE A 218 -1.88 -3.41 -0.04
C ILE A 218 -0.81 -4.19 0.72
N ARG A 219 -0.64 -5.46 0.37
CA ARG A 219 0.43 -6.28 0.94
C ARG A 219 1.24 -6.80 -0.23
N ILE A 220 2.56 -6.76 -0.12
CA ILE A 220 3.42 -7.27 -1.17
C ILE A 220 4.42 -8.25 -0.55
N GLY A 221 4.25 -9.53 -0.86
CA GLY A 221 5.14 -10.54 -0.31
C GLY A 221 4.75 -10.91 1.12
N TYR A 222 5.57 -11.74 1.77
CA TYR A 222 5.29 -12.18 3.14
C TYR A 222 6.45 -12.06 4.14
N TYR A 223 7.68 -12.37 3.72
CA TYR A 223 8.82 -12.32 4.64
C TYR A 223 10.02 -11.59 4.05
N ARG A 224 10.99 -11.24 4.91
CA ARG A 224 12.16 -10.47 4.49
C ARG A 224 13.05 -11.08 3.41
N ASN A 225 12.97 -12.40 3.22
CA ASN A 225 13.78 -13.02 2.17
C ASN A 225 13.11 -12.95 0.80
N ASP A 226 11.88 -12.48 0.74
CA ASP A 226 11.17 -12.38 -0.54
C ASP A 226 11.61 -11.14 -1.31
N ILE A 227 11.66 -11.24 -2.63
CA ILE A 227 12.04 -10.11 -3.48
C ILE A 227 10.76 -9.63 -4.17
N GLY A 228 10.53 -8.32 -4.15
CA GLY A 228 9.33 -7.80 -4.77
C GLY A 228 9.55 -7.08 -6.08
N ARG A 229 10.33 -6.00 -6.03
CA ARG A 229 10.62 -5.17 -7.21
C ARG A 229 9.34 -4.73 -7.91
N CYS A 230 8.35 -4.39 -7.09
CA CYS A 230 7.07 -3.88 -7.58
C CYS A 230 7.07 -2.37 -7.44
N LEU A 231 6.37 -1.72 -8.36
CA LEU A 231 6.26 -0.26 -8.37
C LEU A 231 4.85 0.11 -7.97
N VAL A 232 4.73 0.95 -6.95
CA VAL A 232 3.44 1.42 -6.49
C VAL A 232 3.57 2.92 -6.59
N ASP A 233 2.91 3.50 -7.59
CA ASP A 233 3.02 4.94 -7.80
C ASP A 233 1.72 5.64 -8.19
N SER A 234 1.63 6.92 -7.83
CA SER A 234 0.47 7.72 -8.19
C SER A 234 -0.88 7.21 -7.74
N ASN A 235 -0.91 6.68 -6.52
CA ASN A 235 -2.16 6.17 -5.96
C ASN A 235 -2.64 7.18 -4.93
N LEU A 236 -3.95 7.25 -4.75
CA LEU A 236 -4.52 8.16 -3.78
C LEU A 236 -5.23 7.35 -2.70
N PHE A 237 -4.70 7.42 -1.49
CA PHE A 237 -5.29 6.73 -0.35
C PHE A 237 -5.95 7.86 0.46
N MET A 238 -7.27 7.86 0.49
CA MET A 238 -8.01 8.90 1.21
C MET A 238 -8.86 8.22 2.25
N ARG A 239 -8.45 8.37 3.51
CA ARG A 239 -9.12 7.71 4.62
C ARG A 239 -9.06 6.20 4.41
N GLN A 240 -7.87 5.72 4.06
CA GLN A 240 -7.64 4.30 3.93
C GLN A 240 -7.38 3.95 5.39
N ASP A 241 -8.43 3.53 6.08
CA ASP A 241 -8.34 3.24 7.51
C ASP A 241 -8.49 1.79 7.93
N SER A 242 -8.60 0.88 6.96
CA SER A 242 -8.79 -0.54 7.26
C SER A 242 -8.11 -1.02 8.54
N GLU A 243 -6.82 -0.70 8.69
CA GLU A 243 -6.10 -1.07 9.91
C GLU A 243 -4.86 -0.21 10.07
N ALA A 244 -4.01 -0.58 11.03
CA ALA A 244 -2.80 0.18 11.31
C ALA A 244 -1.89 0.35 10.08
N GLU A 245 -1.90 -0.63 9.19
CA GLU A 245 -1.07 -0.60 8.00
C GLU A 245 -1.80 -0.20 6.71
N ILE A 246 -1.42 0.95 6.16
CA ILE A 246 -2.00 1.43 4.91
C ILE A 246 -1.49 0.47 3.84
N ILE A 247 -0.19 0.24 3.89
CA ILE A 247 0.48 -0.69 2.99
C ILE A 247 1.48 -1.46 3.84
N THR A 248 1.45 -2.78 3.77
CA THR A 248 2.42 -3.56 4.52
C THR A 248 3.33 -4.19 3.47
N SER A 249 4.44 -3.52 3.20
CA SER A 249 5.38 -4.00 2.20
C SER A 249 6.27 -5.06 2.85
N LYS A 250 6.03 -6.31 2.47
CA LYS A 250 6.76 -7.44 3.03
C LYS A 250 7.70 -8.14 2.04
N SER A 251 8.45 -7.35 1.28
CA SER A 251 9.41 -7.92 0.33
C SER A 251 10.42 -6.86 -0.04
N GLN A 252 11.58 -7.31 -0.51
CA GLN A 252 12.66 -6.42 -0.88
C GLN A 252 12.49 -5.65 -2.17
N GLU A 253 13.18 -4.52 -2.21
CA GLU A 253 13.24 -3.64 -3.38
C GLU A 253 11.97 -3.24 -4.09
N ASN A 254 10.99 -2.80 -3.31
CA ASN A 254 9.74 -2.30 -3.86
C ASN A 254 9.91 -0.79 -3.86
N VAL A 255 9.30 -0.11 -4.82
CA VAL A 255 9.42 1.34 -4.93
C VAL A 255 8.07 2.03 -4.85
N TYR A 256 7.93 2.91 -3.87
CA TYR A 256 6.71 3.67 -3.68
C TYR A 256 7.02 5.11 -4.07
N TYR A 257 6.47 5.52 -5.20
CA TYR A 257 6.73 6.86 -5.73
C TYR A 257 5.49 7.68 -6.08
N GLY A 258 5.48 8.92 -5.60
CA GLY A 258 4.38 9.83 -5.89
C GLY A 258 2.99 9.43 -5.46
N ASN A 259 2.89 8.78 -4.30
CA ASN A 259 1.61 8.36 -3.76
C ASN A 259 1.10 9.42 -2.79
N THR A 260 -0.20 9.57 -2.70
CA THR A 260 -0.78 10.54 -1.77
C THR A 260 -1.59 9.79 -0.72
N TYR A 261 -1.30 10.10 0.54
CA TYR A 261 -2.01 9.50 1.67
C TYR A 261 -2.67 10.64 2.43
N LEU A 262 -3.95 10.85 2.15
CA LEU A 262 -4.73 11.91 2.78
C LEU A 262 -5.61 11.40 3.90
N ASN A 263 -5.41 11.97 5.09
CA ASN A 263 -6.19 11.60 6.27
C ASN A 263 -6.40 10.09 6.43
N CYS A 264 -5.30 9.35 6.43
CA CYS A 264 -5.34 7.89 6.60
C CYS A 264 -4.96 7.50 8.02
N GLN A 265 -5.79 6.68 8.66
CA GLN A 265 -5.50 6.23 10.01
C GLN A 265 -4.58 5.02 9.99
N GLY A 266 -3.32 5.26 9.65
CA GLY A 266 -2.35 4.19 9.61
C GLY A 266 -1.08 4.74 9.02
N THR A 267 -0.11 3.87 8.77
CA THR A 267 1.16 4.29 8.20
C THR A 267 1.53 3.41 7.01
N MET A 268 2.34 3.96 6.12
CA MET A 268 2.81 3.21 4.97
C MET A 268 4.07 2.54 5.51
N ASN A 269 4.08 1.21 5.51
CA ASN A 269 5.20 0.48 6.10
C ASN A 269 6.15 -0.38 5.27
N PHE A 270 7.41 -0.37 5.70
CA PHE A 270 8.44 -1.24 5.14
C PHE A 270 8.43 -2.25 6.30
N ARG A 271 7.51 -3.21 6.22
CA ARG A 271 7.31 -4.22 7.27
C ARG A 271 8.35 -5.34 7.31
N HIS A 272 8.60 -5.98 6.17
CA HIS A 272 9.61 -7.04 6.08
C HIS A 272 10.39 -6.79 4.80
N GLY A 273 11.68 -7.11 4.81
CA GLY A 273 12.49 -6.93 3.63
C GLY A 273 13.31 -5.65 3.59
N ASP A 274 14.61 -5.79 3.41
CA ASP A 274 15.48 -4.63 3.36
C ASP A 274 15.52 -4.00 1.97
N HIS A 275 16.20 -2.86 1.88
CA HIS A 275 16.37 -2.10 0.65
C HIS A 275 15.08 -1.71 -0.07
N GLN A 276 14.20 -1.01 0.63
CA GLN A 276 12.96 -0.56 0.00
C GLN A 276 13.06 0.95 -0.24
N VAL A 277 12.26 1.45 -1.18
CA VAL A 277 12.32 2.85 -1.57
C VAL A 277 10.98 3.59 -1.49
N ALA A 278 11.00 4.78 -0.92
CA ALA A 278 9.80 5.61 -0.83
C ALA A 278 10.26 7.01 -1.20
N ILE A 279 9.86 7.46 -2.38
CA ILE A 279 10.25 8.78 -2.88
C ILE A 279 9.10 9.67 -3.29
N ASN A 280 9.15 10.91 -2.83
CA ASN A 280 8.17 11.92 -3.19
C ASN A 280 6.71 11.56 -2.95
N ASN A 281 6.42 11.00 -1.78
CA ASN A 281 5.06 10.65 -1.41
C ASN A 281 4.56 11.77 -0.49
N PHE A 282 3.27 12.01 -0.49
CA PHE A 282 2.71 13.05 0.36
C PHE A 282 1.85 12.43 1.44
N TYR A 283 2.18 12.74 2.70
CA TYR A 283 1.41 12.23 3.84
C TYR A 283 0.78 13.47 4.46
N ILE A 284 -0.50 13.65 4.20
CA ILE A 284 -1.24 14.82 4.67
C ILE A 284 -2.42 14.51 5.59
N GLY A 285 -2.47 15.23 6.71
CA GLY A 285 -3.57 15.08 7.65
C GLY A 285 -4.06 16.50 7.77
N ASN A 286 -5.25 16.80 7.28
CA ASN A 286 -5.72 18.19 7.33
C ASN A 286 -6.92 18.53 8.20
N ASP A 287 -7.28 17.64 9.11
CA ASP A 287 -8.35 17.93 10.06
C ASP A 287 -8.03 17.27 11.41
N GLN A 288 -8.93 17.41 12.37
CA GLN A 288 -8.73 16.86 13.71
C GLN A 288 -9.59 15.64 14.00
N ARG A 289 -10.10 14.98 12.96
CA ARG A 289 -10.99 13.85 13.19
C ARG A 289 -10.32 12.60 13.77
N PHE A 290 -9.14 12.25 13.28
CA PHE A 290 -8.43 11.07 13.76
C PHE A 290 -6.92 11.29 13.74
N GLY A 291 -6.19 10.29 14.24
CA GLY A 291 -4.74 10.31 14.22
C GLY A 291 -4.36 9.80 12.84
N TYR A 292 -3.48 10.51 12.15
CA TYR A 292 -3.08 10.15 10.80
C TYR A 292 -1.60 9.80 10.66
N GLY A 293 -1.27 9.05 9.61
CA GLY A 293 0.14 8.74 9.41
C GLY A 293 0.58 8.89 7.96
N GLY A 294 1.89 8.94 7.71
CA GLY A 294 2.84 8.23 8.56
C GLY A 294 3.55 7.12 7.81
N MET A 295 4.74 6.77 8.29
CA MET A 295 5.52 5.66 7.76
C MET A 295 6.16 4.98 8.96
N PHE A 296 6.03 3.65 9.05
CA PHE A 296 6.67 2.92 10.15
C PHE A 296 7.67 2.03 9.41
N VAL A 297 8.93 2.15 9.78
CA VAL A 297 9.99 1.42 9.10
C VAL A 297 10.76 0.36 9.89
N TRP A 298 10.78 -0.85 9.33
CA TRP A 298 11.52 -1.97 9.89
C TRP A 298 12.62 -2.25 8.85
N GLY A 299 13.72 -2.88 9.27
CA GLY A 299 14.76 -3.21 8.30
C GLY A 299 15.79 -2.14 7.97
N SER A 300 16.74 -2.51 7.11
CA SER A 300 17.83 -1.62 6.72
C SER A 300 18.01 -1.39 5.22
N ARG A 301 18.98 -0.53 4.90
CA ARG A 301 19.37 -0.18 3.54
C ARG A 301 18.29 0.50 2.70
N HIS A 302 17.32 1.11 3.37
CA HIS A 302 16.23 1.78 2.67
C HIS A 302 16.63 3.15 2.14
N VAL A 303 15.77 3.69 1.29
CA VAL A 303 15.95 5.02 0.73
C VAL A 303 14.61 5.73 0.95
N ILE A 304 14.59 6.67 1.88
CA ILE A 304 13.38 7.43 2.20
C ILE A 304 13.74 8.86 1.87
N ALA A 305 13.21 9.35 0.76
CA ALA A 305 13.54 10.69 0.30
C ALA A 305 12.44 11.50 -0.36
N CYS A 306 12.55 12.82 -0.23
CA CYS A 306 11.64 13.76 -0.83
C CYS A 306 10.17 13.56 -0.49
N ASN A 307 9.91 12.96 0.67
CA ASN A 307 8.55 12.74 1.11
C ASN A 307 8.13 13.97 1.90
N TYR A 308 6.86 14.31 1.80
CA TYR A 308 6.32 15.48 2.49
C TYR A 308 5.31 15.06 3.56
N PHE A 309 5.61 15.39 4.81
CA PHE A 309 4.73 15.05 5.92
C PHE A 309 4.16 16.31 6.56
N GLU A 310 2.83 16.41 6.61
CA GLU A 310 2.15 17.53 7.25
C GLU A 310 0.91 16.88 7.86
N LEU A 311 1.02 16.51 9.13
CA LEU A 311 -0.04 15.82 9.85
C LEU A 311 -0.61 16.62 11.02
N SER A 312 -1.86 17.05 10.87
CA SER A 312 -2.56 17.82 11.88
C SER A 312 -2.74 17.06 13.19
N GLU A 313 -2.71 15.73 13.11
CA GLU A 313 -2.85 14.85 14.26
C GLU A 313 -2.09 13.55 13.95
N THR A 314 -1.35 13.02 14.92
CA THR A 314 -0.64 11.77 14.69
C THR A 314 -1.28 10.63 15.49
N ILE A 315 -0.79 9.42 15.27
CA ILE A 315 -1.34 8.23 15.90
C ILE A 315 -0.79 7.92 17.30
N LYS A 316 -1.65 8.08 18.30
CA LYS A 316 -1.27 7.83 19.68
C LYS A 316 -0.71 6.42 19.95
N SER A 317 -1.41 5.40 19.44
CA SER A 317 -1.01 4.02 19.67
C SER A 317 0.40 3.68 19.21
N ARG A 318 0.89 4.38 18.20
CA ARG A 318 2.24 4.10 17.70
C ARG A 318 3.33 5.04 18.22
N GLY A 319 2.95 6.12 18.88
CA GLY A 319 3.93 7.05 19.41
C GLY A 319 3.83 8.51 18.99
N ASN A 320 2.79 8.86 18.23
CA ASN A 320 2.58 10.25 17.79
C ASN A 320 3.74 10.84 16.99
N ALA A 321 3.97 10.32 15.79
CA ALA A 321 5.05 10.83 14.95
C ALA A 321 4.72 10.73 13.46
N ALA A 322 5.58 11.31 12.62
CA ALA A 322 5.38 11.26 11.18
C ALA A 322 6.12 10.03 10.66
N LEU A 323 7.38 9.91 11.04
CA LEU A 323 8.23 8.80 10.63
C LEU A 323 8.67 8.01 11.86
N TYR A 324 8.30 6.73 11.91
CA TYR A 324 8.66 5.86 13.04
C TYR A 324 9.76 4.89 12.64
N LEU A 325 10.88 4.90 13.36
CA LEU A 325 11.99 3.99 13.05
C LEU A 325 12.01 2.87 14.09
N ASN A 326 11.71 1.67 13.63
CA ASN A 326 11.61 0.51 14.51
C ASN A 326 12.82 0.03 15.28
N PRO A 327 12.70 -0.04 16.62
CA PRO A 327 13.79 -0.53 17.48
C PRO A 327 13.56 -2.04 17.57
N GLY A 328 14.61 -2.83 17.75
CA GLY A 328 14.43 -4.26 17.84
C GLY A 328 15.65 -5.09 17.50
N ALA A 329 15.43 -6.36 17.19
CA ALA A 329 16.51 -7.29 16.84
C ALA A 329 16.77 -7.25 15.34
N MET A 330 18.06 -7.20 14.98
CA MET A 330 18.43 -7.13 13.58
C MET A 330 17.92 -8.30 12.75
N ALA A 331 17.35 -7.98 11.59
CA ALA A 331 16.83 -8.98 10.65
C ALA A 331 15.88 -10.00 11.26
N SER A 332 15.11 -9.58 12.25
CA SER A 332 14.15 -10.46 12.92
C SER A 332 12.74 -10.23 12.37
N GLU A 333 11.75 -10.81 13.03
CA GLU A 333 10.33 -10.67 12.67
C GLU A 333 9.92 -9.20 12.79
N HIS A 334 10.64 -8.48 13.65
CA HIS A 334 10.43 -7.05 13.88
C HIS A 334 11.83 -6.46 13.73
N ALA A 335 12.34 -6.56 12.51
CA ALA A 335 13.67 -6.11 12.18
C ALA A 335 14.04 -4.69 12.55
N LEU A 336 15.19 -4.56 13.21
CA LEU A 336 15.73 -3.27 13.61
C LEU A 336 15.87 -2.37 12.39
N ALA A 337 15.57 -1.09 12.58
CA ALA A 337 15.70 -0.12 11.51
C ALA A 337 17.07 0.54 11.67
N PHE A 338 17.95 0.33 10.71
CA PHE A 338 19.28 0.94 10.78
C PHE A 338 19.90 0.99 9.39
N ASP A 339 21.02 1.69 9.27
CA ASP A 339 21.75 1.78 8.01
C ASP A 339 20.86 2.12 6.80
N MET A 340 20.35 3.34 6.75
CA MET A 340 19.51 3.76 5.63
C MET A 340 19.65 5.26 5.36
N LEU A 341 19.17 5.68 4.20
CA LEU A 341 19.25 7.08 3.81
C LEU A 341 17.92 7.81 3.97
N ILE A 342 17.91 8.88 4.75
CA ILE A 342 16.71 9.68 4.96
C ILE A 342 17.09 11.08 4.44
N ALA A 343 16.73 11.36 3.19
CA ALA A 343 17.10 12.62 2.57
C ALA A 343 16.01 13.47 1.94
N ASN A 344 16.25 14.77 1.96
CA ASN A 344 15.37 15.77 1.37
C ASN A 344 13.88 15.66 1.68
N ASN A 345 13.55 15.17 2.87
CA ASN A 345 12.16 15.06 3.29
C ASN A 345 11.78 16.37 3.98
N ALA A 346 10.50 16.67 4.01
CA ALA A 346 10.02 17.88 4.66
C ALA A 346 8.96 17.51 5.69
N PHE A 347 9.15 17.98 6.92
CA PHE A 347 8.19 17.73 7.99
C PHE A 347 7.65 19.10 8.38
N ILE A 348 6.48 19.40 7.84
CA ILE A 348 5.83 20.70 8.06
C ILE A 348 4.64 20.63 9.01
N ASN A 349 4.75 21.36 10.11
CA ASN A 349 3.70 21.40 11.13
C ASN A 349 3.11 20.06 11.48
N VAL A 350 3.97 19.14 11.87
CA VAL A 350 3.51 17.82 12.27
C VAL A 350 3.10 17.89 13.74
N ASN A 351 1.88 17.48 14.05
CA ASN A 351 1.43 17.51 15.43
C ASN A 351 1.87 16.20 16.08
N GLY A 352 3.18 16.12 16.30
CA GLY A 352 3.82 14.95 16.89
C GLY A 352 5.29 15.06 16.55
N TYR A 353 6.08 14.04 16.86
CA TYR A 353 7.50 14.11 16.54
C TYR A 353 7.67 13.95 15.03
N ALA A 354 8.65 14.65 14.46
CA ALA A 354 8.91 14.51 13.03
C ALA A 354 9.48 13.10 12.86
N ILE A 355 10.40 12.72 13.74
CA ILE A 355 10.98 11.38 13.70
C ILE A 355 11.07 10.77 15.09
N HIS A 356 10.54 9.57 15.24
CA HIS A 356 10.58 8.87 16.52
C HIS A 356 11.63 7.77 16.33
N PHE A 357 12.68 7.79 17.15
CA PHE A 357 13.75 6.81 17.02
C PHE A 357 13.62 5.53 17.82
N ASN A 358 12.53 5.39 18.57
CA ASN A 358 12.35 4.15 19.34
C ASN A 358 10.91 3.84 19.72
N PRO A 359 10.00 3.85 18.72
CA PRO A 359 8.59 3.56 18.96
C PRO A 359 8.36 2.11 19.40
N LEU A 360 7.40 1.91 20.29
CA LEU A 360 7.04 0.60 20.79
C LEU A 360 8.24 -0.15 21.39
N ASP A 361 9.21 0.59 21.90
CA ASP A 361 10.41 -0.04 22.46
C ASP A 361 10.12 -0.98 23.63
N GLU A 362 9.12 -0.63 24.45
CA GLU A 362 8.74 -1.48 25.57
C GLU A 362 8.33 -2.88 25.10
N ARG A 363 7.46 -2.94 24.11
CA ARG A 363 7.00 -4.22 23.58
C ARG A 363 8.12 -4.97 22.86
N ARG A 364 8.90 -4.23 22.08
CA ARG A 364 10.01 -4.82 21.33
C ARG A 364 11.07 -5.42 22.24
N LYS A 365 11.35 -4.76 23.35
CA LYS A 365 12.37 -5.26 24.25
C LYS A 365 11.88 -6.57 24.87
N GLU A 366 10.60 -6.66 25.20
CA GLU A 366 10.06 -7.89 25.77
C GLU A 366 10.01 -8.98 24.69
N TYR A 367 9.67 -8.61 23.47
CA TYR A 367 9.62 -9.55 22.35
C TYR A 367 10.99 -10.20 22.16
N CYS A 368 12.04 -9.37 22.15
CA CYS A 368 13.39 -9.88 21.98
C CYS A 368 13.77 -10.80 23.14
N ALA A 369 13.42 -10.42 24.36
CA ALA A 369 13.71 -11.23 25.54
C ALA A 369 13.01 -12.58 25.44
N ALA A 370 11.73 -12.56 25.06
CA ALA A 370 10.97 -13.80 24.95
C ALA A 370 11.52 -14.73 23.88
N ASN A 371 12.09 -14.16 22.83
CA ASN A 371 12.65 -14.96 21.74
C ASN A 371 14.18 -15.07 21.73
N ARG A 372 14.81 -14.73 22.85
CA ARG A 372 16.27 -14.79 22.99
C ARG A 372 17.01 -14.07 21.88
N LEU A 373 16.49 -12.90 21.52
CA LEU A 373 17.09 -12.05 20.48
C LEU A 373 17.77 -10.87 21.17
N LYS A 374 18.65 -10.19 20.46
CA LYS A 374 19.37 -9.02 20.97
C LYS A 374 18.68 -7.72 20.59
N PHE A 375 18.14 -7.02 21.58
CA PHE A 375 17.45 -5.75 21.35
C PHE A 375 18.44 -4.62 21.08
N GLU A 376 18.22 -3.90 19.98
CA GLU A 376 19.08 -2.77 19.61
C GLU A 376 18.18 -1.60 19.21
N THR A 377 18.77 -0.43 19.04
CA THR A 377 18.00 0.74 18.64
C THR A 377 18.57 1.37 17.37
N PRO A 378 17.73 2.08 16.60
CA PRO A 378 18.14 2.72 15.35
C PRO A 378 19.48 3.46 15.38
N HIS A 379 20.34 3.12 14.42
CA HIS A 379 21.65 3.75 14.29
C HIS A 379 22.13 3.69 12.85
N GLN A 380 23.28 4.29 12.57
CA GLN A 380 23.84 4.31 11.22
C GLN A 380 22.89 4.95 10.22
N LEU A 381 22.06 5.86 10.72
CA LEU A 381 21.11 6.55 9.86
C LEU A 381 21.78 7.76 9.22
N MET A 382 21.61 7.91 7.91
CA MET A 382 22.19 9.04 7.20
C MET A 382 21.06 10.03 6.94
N LEU A 383 20.99 11.09 7.75
CA LEU A 383 19.94 12.08 7.58
C LEU A 383 20.52 13.28 6.86
N LYS A 384 20.16 13.43 5.59
CA LYS A 384 20.68 14.53 4.77
C LYS A 384 19.63 15.45 4.12
N GLY A 385 19.85 16.76 4.23
CA GLY A 385 18.99 17.75 3.63
C GLY A 385 17.51 17.75 3.97
N ASN A 386 17.15 17.33 5.17
CA ASN A 386 15.76 17.31 5.58
C ASN A 386 15.36 18.64 6.20
N LEU A 387 14.09 19.01 6.01
CA LEU A 387 13.57 20.26 6.56
C LEU A 387 12.56 19.95 7.65
N PHE A 388 12.74 20.55 8.82
CA PHE A 388 11.81 20.35 9.92
C PHE A 388 11.34 21.74 10.30
N PHE A 389 10.03 21.95 10.18
CA PHE A 389 9.45 23.25 10.45
C PHE A 389 8.14 23.17 11.20
N LYS A 390 7.92 24.12 12.10
CA LYS A 390 6.70 24.16 12.89
C LYS A 390 6.40 25.58 13.37
N ASP A 391 5.17 26.05 13.15
CA ASP A 391 4.79 27.38 13.60
C ASP A 391 3.39 27.39 14.20
N LYS A 392 2.84 26.21 14.43
CA LYS A 392 1.52 26.08 15.05
C LYS A 392 1.72 25.70 16.52
N PRO A 393 0.73 25.99 17.37
CA PRO A 393 0.77 25.69 18.81
C PRO A 393 0.79 24.21 19.23
N TYR A 394 1.53 23.39 18.50
CA TYR A 394 1.65 21.97 18.82
C TYR A 394 2.73 21.83 19.91
N VAL A 395 2.66 20.77 20.72
CA VAL A 395 3.60 20.61 21.84
C VAL A 395 4.82 19.71 21.67
N TYR A 396 4.92 19.00 20.56
CA TYR A 396 6.05 18.08 20.37
C TYR A 396 7.34 18.61 19.78
N PRO A 397 8.49 18.27 20.39
CA PRO A 397 9.77 18.72 19.87
C PRO A 397 9.90 17.90 18.58
N PHE A 398 10.90 18.19 17.76
CA PHE A 398 11.05 17.47 16.50
C PHE A 398 11.40 15.99 16.62
N PHE A 399 12.24 15.64 17.59
CA PHE A 399 12.66 14.24 17.71
C PHE A 399 12.57 13.63 19.10
N LYS A 400 12.44 12.30 19.11
CA LYS A 400 12.39 11.54 20.34
C LYS A 400 13.37 10.39 20.20
N ASP A 401 14.44 10.39 20.99
CA ASP A 401 15.40 9.30 20.96
C ASP A 401 15.84 9.07 22.39
N ASP A 402 15.20 8.10 23.04
CA ASP A 402 15.49 7.77 24.42
C ASP A 402 16.82 7.02 24.56
N TYR A 403 17.37 6.57 23.44
CA TYR A 403 18.63 5.84 23.47
C TYR A 403 19.69 6.59 22.68
N PHE A 404 19.63 7.91 22.71
CA PHE A 404 20.59 8.72 21.98
C PHE A 404 22.04 8.46 22.36
N ILE A 405 22.87 8.25 21.35
CA ILE A 405 24.31 8.05 21.54
C ILE A 405 24.99 8.94 20.51
N ALA A 406 25.89 9.81 20.97
CA ALA A 406 26.59 10.71 20.07
C ALA A 406 27.27 9.98 18.94
N GLY A 407 27.09 10.50 17.73
CA GLY A 407 27.72 9.92 16.55
C GLY A 407 27.15 8.63 16.00
N LYS A 408 26.10 8.08 16.58
CA LYS A 408 25.58 6.82 16.03
C LYS A 408 24.95 7.07 14.66
N ASN A 409 24.48 8.29 14.45
CA ASN A 409 23.88 8.68 13.18
C ASN A 409 24.64 9.86 12.61
N SER A 410 24.40 10.15 11.33
CA SER A 410 25.06 11.26 10.64
C SER A 410 24.04 12.28 10.14
N TRP A 411 24.18 13.54 10.56
CA TRP A 411 23.27 14.61 10.14
C TRP A 411 24.00 15.65 9.29
N THR A 412 23.53 15.88 8.07
CA THR A 412 24.17 16.85 7.18
C THR A 412 23.15 17.66 6.38
N GLY A 413 23.34 18.98 6.34
CA GLY A 413 22.48 19.86 5.57
C GLY A 413 20.99 19.92 5.89
N ASN A 414 20.63 19.58 7.12
CA ASN A 414 19.24 19.64 7.56
C ASN A 414 18.99 21.04 8.09
N VAL A 415 17.72 21.42 8.17
CA VAL A 415 17.34 22.72 8.73
C VAL A 415 16.19 22.45 9.70
N ALA A 416 16.27 23.07 10.89
CA ALA A 416 15.23 22.86 11.88
C ALA A 416 14.90 24.14 12.63
N LEU A 417 13.61 24.48 12.72
CA LEU A 417 13.19 25.67 13.43
C LEU A 417 11.70 25.69 13.72
N GLY A 418 11.36 26.26 14.86
CA GLY A 418 9.96 26.37 15.27
C GLY A 418 9.72 25.78 16.64
N VAL A 419 10.56 24.84 17.05
CA VAL A 419 10.42 24.20 18.34
C VAL A 419 11.73 23.51 18.66
N GLU A 420 11.91 23.11 19.91
CA GLU A 420 13.13 22.43 20.33
C GLU A 420 13.30 21.14 19.55
N LYS A 421 14.54 20.71 19.36
CA LYS A 421 14.80 19.49 18.63
C LYS A 421 14.50 18.24 19.46
N GLY A 422 14.80 18.29 20.76
CA GLY A 422 14.53 17.14 21.62
C GLY A 422 15.71 16.22 21.82
N ILE A 423 16.74 16.37 20.98
CA ILE A 423 17.94 15.54 21.09
C ILE A 423 19.15 16.45 20.87
N PRO A 424 20.27 16.17 21.53
CA PRO A 424 21.49 16.99 21.38
C PRO A 424 22.16 16.86 20.02
N VAL A 425 21.56 17.47 19.00
CA VAL A 425 22.12 17.48 17.66
C VAL A 425 22.15 18.91 17.17
N ASN A 426 23.31 19.31 16.65
CA ASN A 426 23.52 20.66 16.14
C ASN A 426 22.95 20.78 14.72
N ILE A 427 21.85 21.53 14.55
CA ILE A 427 21.25 21.70 13.23
C ILE A 427 21.01 23.16 12.87
N SER A 428 21.33 23.51 11.62
CA SER A 428 21.14 24.89 11.15
C SER A 428 19.68 25.28 11.35
N ALA A 429 19.45 26.53 11.72
CA ALA A 429 18.09 27.02 11.91
C ALA A 429 17.77 28.00 10.78
N ASN A 430 18.71 28.13 9.85
CA ASN A 430 18.55 29.07 8.74
C ASN A 430 17.72 28.52 7.59
N ARG A 431 16.43 28.85 7.60
CA ARG A 431 15.49 28.41 6.57
C ARG A 431 15.79 29.02 5.21
N SER A 432 16.05 30.32 5.17
CA SER A 432 16.35 30.98 3.91
C SER A 432 17.47 30.29 3.12
N ALA A 433 18.32 29.55 3.83
CA ALA A 433 19.45 28.86 3.22
C ALA A 433 19.17 27.38 2.93
N TYR A 434 17.97 26.92 3.26
CA TYR A 434 17.62 25.53 3.02
C TYR A 434 17.64 25.15 1.54
N LYS A 435 18.24 24.00 1.25
CA LYS A 435 18.33 23.48 -0.11
C LYS A 435 18.42 21.96 -0.06
N PRO A 436 17.65 21.26 -0.91
CA PRO A 436 17.74 19.81 -0.88
C PRO A 436 19.15 19.42 -1.36
N VAL A 437 19.64 18.27 -0.91
CA VAL A 437 20.98 17.84 -1.28
C VAL A 437 21.01 16.96 -2.53
N LYS A 438 22.17 16.91 -3.19
CA LYS A 438 22.36 16.09 -4.38
C LYS A 438 22.81 14.70 -3.97
N ILE A 439 22.06 13.70 -4.41
CA ILE A 439 22.39 12.31 -4.11
C ILE A 439 22.70 11.65 -5.45
N LYS A 440 23.80 10.91 -5.53
CA LYS A 440 24.17 10.31 -6.80
C LYS A 440 24.73 8.89 -6.74
N ASP A 441 24.78 8.33 -5.53
CA ASP A 441 25.32 6.99 -5.35
C ASP A 441 24.26 5.91 -5.09
N ILE A 442 23.00 6.22 -5.40
CA ILE A 442 21.92 5.28 -5.20
C ILE A 442 21.66 4.45 -6.45
N GLN A 443 21.87 3.14 -6.35
CA GLN A 443 21.63 2.23 -7.46
C GLN A 443 20.15 2.09 -7.75
N PRO A 444 19.77 2.04 -9.04
CA PRO A 444 18.35 1.88 -9.37
C PRO A 444 17.93 0.44 -9.06
N ILE A 445 16.63 0.20 -9.03
CA ILE A 445 16.13 -1.14 -8.77
C ILE A 445 15.91 -1.84 -10.11
N GLU A 446 16.54 -2.98 -10.30
CA GLU A 446 16.41 -3.74 -11.55
C GLU A 446 14.94 -3.98 -11.84
N GLY A 447 14.52 -3.70 -13.06
CA GLY A 447 13.13 -3.91 -13.43
C GLY A 447 12.20 -2.72 -13.29
N ILE A 448 12.66 -1.66 -12.62
CA ILE A 448 11.85 -0.45 -12.44
C ILE A 448 12.58 0.73 -13.05
N ALA A 449 12.00 1.29 -14.11
CA ALA A 449 12.60 2.40 -14.85
C ALA A 449 12.49 3.77 -14.21
N LEU A 450 13.15 3.95 -13.08
CA LEU A 450 13.18 5.25 -12.40
C LEU A 450 14.61 5.59 -12.01
N ASP A 451 15.01 6.82 -12.30
CA ASP A 451 16.35 7.30 -11.98
C ASP A 451 16.25 7.80 -10.55
N LEU A 452 16.62 6.95 -9.60
CA LEU A 452 16.52 7.31 -8.19
C LEU A 452 17.39 8.50 -7.76
N ASN A 453 18.60 8.59 -8.29
CA ASN A 453 19.48 9.72 -7.93
C ASN A 453 18.89 11.02 -8.42
N ALA A 454 18.42 11.03 -9.66
CA ALA A 454 17.83 12.23 -10.25
C ALA A 454 16.57 12.67 -9.53
N LEU A 455 15.73 11.71 -9.15
CA LEU A 455 14.48 12.04 -8.45
C LEU A 455 14.74 12.59 -7.05
N ILE A 456 15.67 11.97 -6.34
CA ILE A 456 16.01 12.42 -4.99
C ILE A 456 16.63 13.82 -5.03
N SER A 457 17.57 14.02 -5.95
CA SER A 457 18.26 15.30 -6.08
C SER A 457 17.38 16.50 -6.41
N LYS A 458 16.26 16.26 -7.08
CA LYS A 458 15.34 17.35 -7.43
C LYS A 458 14.62 17.92 -6.22
N GLY A 459 14.45 17.10 -5.19
CA GLY A 459 13.76 17.56 -3.99
C GLY A 459 12.32 17.10 -4.12
N ILE A 460 11.40 17.78 -3.44
CA ILE A 460 9.98 17.40 -3.50
C ILE A 460 9.30 18.12 -4.66
N THR A 461 8.72 17.35 -5.57
CA THR A 461 8.03 17.92 -6.72
C THR A 461 6.53 17.69 -6.65
N GLY A 462 5.79 18.47 -7.42
CA GLY A 462 4.35 18.34 -7.48
C GLY A 462 3.62 18.57 -6.17
N LYS A 463 2.46 17.95 -6.03
CA LYS A 463 1.66 18.09 -4.82
C LYS A 463 0.68 16.93 -4.68
N PRO A 464 -0.13 16.92 -3.60
CA PRO A 464 -1.09 15.83 -3.42
C PRO A 464 -1.99 15.57 -4.63
N LEU A 465 -2.24 14.30 -4.93
CA LEU A 465 -3.08 13.90 -6.05
C LEU A 465 -4.56 14.01 -5.68
N SER A 466 -5.40 14.32 -6.67
CA SER A 466 -6.83 14.44 -6.42
C SER A 466 -7.58 13.32 -7.15
N TRP A 467 -8.86 13.19 -6.83
CA TRP A 467 -9.71 12.16 -7.43
C TRP A 467 -9.65 12.18 -8.96
N ASP A 468 -9.81 13.35 -9.57
CA ASP A 468 -9.81 13.42 -11.02
C ASP A 468 -8.53 12.92 -11.67
N GLU A 469 -7.43 12.91 -10.93
CA GLU A 469 -6.17 12.44 -11.50
C GLU A 469 -6.01 10.93 -11.46
N VAL A 470 -6.89 10.22 -10.77
CA VAL A 470 -6.77 8.77 -10.67
C VAL A 470 -8.01 7.97 -11.08
N ARG A 471 -9.18 8.59 -11.02
CA ARG A 471 -10.43 7.91 -11.34
C ARG A 471 -10.52 7.20 -12.69
N PRO A 472 -11.36 6.15 -12.79
CA PRO A 472 -11.53 5.42 -14.05
C PRO A 472 -12.05 6.44 -15.07
N TYR A 473 -11.52 6.42 -16.28
CA TYR A 473 -11.92 7.40 -17.29
C TYR A 473 -13.43 7.63 -17.45
N TRP A 474 -14.22 6.58 -17.26
CA TRP A 474 -15.66 6.64 -17.43
C TRP A 474 -16.45 6.99 -16.17
N LEU A 475 -15.77 7.02 -15.03
CA LEU A 475 -16.45 7.30 -13.76
C LEU A 475 -16.27 8.74 -13.33
N LYS A 476 -17.38 9.43 -13.09
CA LYS A 476 -17.29 10.81 -12.70
C LYS A 476 -17.31 10.98 -11.19
N GLU A 477 -18.28 10.34 -10.54
CA GLU A 477 -18.42 10.46 -9.10
C GLU A 477 -17.81 9.32 -8.29
N MET A 478 -17.26 9.70 -7.13
CA MET A 478 -16.59 8.80 -6.22
C MET A 478 -17.58 7.82 -5.56
N PRO A 479 -17.38 6.50 -5.74
CA PRO A 479 -18.26 5.49 -5.15
C PRO A 479 -18.08 5.42 -3.62
N GLY A 480 -19.08 4.90 -2.93
CA GLY A 480 -18.97 4.77 -1.48
C GLY A 480 -19.22 6.05 -0.72
N THR A 481 -19.12 5.97 0.61
CA THR A 481 -19.36 7.15 1.44
C THR A 481 -18.28 7.41 2.48
N TYR A 482 -17.41 6.43 2.72
CA TYR A 482 -16.40 6.62 3.75
C TYR A 482 -15.38 7.73 3.53
N ALA A 483 -14.89 7.87 2.31
CA ALA A 483 -13.88 8.88 2.01
C ALA A 483 -14.31 10.31 2.34
N LEU A 484 -15.55 10.64 2.02
CA LEU A 484 -16.05 12.00 2.25
C LEU A 484 -16.80 12.21 3.57
N THR A 485 -17.27 11.13 4.19
CA THR A 485 -18.05 11.28 5.42
C THR A 485 -17.55 10.49 6.63
N ALA A 486 -16.61 9.56 6.41
CA ALA A 486 -16.08 8.73 7.48
C ALA A 486 -17.20 7.96 8.14
N ARG A 487 -18.25 7.72 7.36
CA ARG A 487 -19.45 7.00 7.80
C ARG A 487 -19.90 6.04 6.70
N LEU A 488 -20.53 4.95 7.11
CA LEU A 488 -21.05 3.97 6.18
C LEU A 488 -22.57 4.07 6.27
N SER A 489 -23.27 3.71 5.20
CA SER A 489 -24.73 3.77 5.21
C SER A 489 -25.26 2.79 6.25
N ALA A 490 -26.55 2.88 6.55
CA ALA A 490 -27.15 1.98 7.51
C ALA A 490 -27.00 0.52 7.08
N ASP A 491 -27.29 0.24 5.82
CA ASP A 491 -27.21 -1.13 5.32
C ASP A 491 -25.77 -1.67 5.36
N ARG A 492 -24.82 -0.82 4.97
CA ARG A 492 -23.42 -1.23 4.97
C ARG A 492 -22.81 -1.31 6.36
N ALA A 493 -23.25 -0.42 7.25
CA ALA A 493 -22.74 -0.43 8.61
C ALA A 493 -23.21 -1.72 9.29
N ALA A 494 -24.41 -2.16 8.92
CA ALA A 494 -25.00 -3.38 9.47
C ALA A 494 -24.21 -4.62 9.05
N LYS A 495 -23.88 -4.70 7.76
CA LYS A 495 -23.14 -5.84 7.26
C LYS A 495 -21.75 -5.85 7.87
N PHE A 496 -21.14 -4.67 7.99
CA PHE A 496 -19.81 -4.53 8.56
C PHE A 496 -19.79 -5.08 9.99
N LYS A 497 -20.82 -4.74 10.78
CA LYS A 497 -20.88 -5.23 12.14
C LYS A 497 -21.00 -6.75 12.18
N ALA A 498 -21.81 -7.31 11.28
CA ALA A 498 -22.00 -8.75 11.21
C ALA A 498 -20.66 -9.45 10.90
N VAL A 499 -19.92 -8.90 9.95
CA VAL A 499 -18.61 -9.45 9.57
C VAL A 499 -17.67 -9.45 10.77
N ILE A 500 -17.56 -8.29 11.42
CA ILE A 500 -16.69 -8.14 12.57
C ILE A 500 -17.09 -9.08 13.70
N LYS A 501 -18.40 -9.17 13.95
CA LYS A 501 -18.90 -10.02 15.03
C LYS A 501 -18.62 -11.52 14.85
N ARG A 502 -18.81 -12.05 13.65
CA ARG A 502 -18.58 -13.48 13.46
C ARG A 502 -17.09 -13.86 13.42
N ASN A 503 -16.21 -12.86 13.40
CA ASN A 503 -14.78 -13.13 13.36
C ASN A 503 -14.14 -12.93 14.73
N LYS A 504 -14.98 -12.64 15.71
CA LYS A 504 -14.55 -12.40 17.09
C LYS A 504 -15.05 -13.54 17.99
N GLU A 505 -14.49 -13.65 19.19
CA GLU A 505 -14.91 -14.71 20.10
C GLU A 505 -16.42 -14.78 20.31
N HIS A 506 -16.94 -16.00 20.37
CA HIS A 506 -18.36 -16.22 20.57
C HIS A 506 -18.74 -15.85 22.00
#